data_7Q58
#
_entry.id   7Q58
#
_cell.length_a   34.384
_cell.length_b   50.322
_cell.length_c   71.324
_cell.angle_alpha   90.000
_cell.angle_beta   90.000
_cell.angle_gamma   90.000
#
_symmetry.space_group_name_H-M   'P 1 21 1'
#
loop_
_entity.id
_entity.type
_entity.pdbx_description
1 polymer SAKe6BR
2 water water
#
_entity_poly.entity_id   1
_entity_poly.type   'polypeptide(L)'
_entity_poly.pdbx_seq_one_letter_code
;GSHMGGLLYAVGGYDGNTHLNSLECYNPETNEWSPVAPLSVPRSGIGVAVLGGLLYAVGGYDGNTHLNSLECYNPETNEW
SPVAPLSVPRSGIGVAVLGGLLYAVGGYDGNTHLNSLECYNPETNEWSPVAPLSVPRSGIGVAVLGGLLYAVGGYDGNTH
LNSLECYNPETNEWSPVAPLSVPRSGIGVAVLGGLLYAVGGYDGNTHLNSLECYNPETNEWSPVAPLSVPRSGIGVAVLG
GLLYAVGGYDGNTHLNSLECYNPETNEWSPVAPLSVPRSGIGVAVL
;
_entity_poly.pdbx_strand_id   A
#
# COMPACT_ATOMS: atom_id res chain seq x y z
N LEU A 7 -10.85 -1.40 -12.86
CA LEU A 7 -10.92 -2.56 -11.96
C LEU A 7 -10.01 -2.43 -10.77
N LEU A 8 -10.45 -2.97 -9.63
CA LEU A 8 -9.69 -2.97 -8.40
C LEU A 8 -8.99 -4.31 -8.25
N TYR A 9 -7.67 -4.31 -8.34
CA TYR A 9 -6.89 -5.52 -8.18
C TYR A 9 -6.47 -5.72 -6.74
N ALA A 10 -6.65 -6.94 -6.25
CA ALA A 10 -6.23 -7.41 -4.94
C ALA A 10 -5.18 -8.47 -5.15
N VAL A 11 -3.96 -8.20 -4.70
CA VAL A 11 -2.79 -8.94 -5.12
C VAL A 11 -2.10 -9.55 -3.92
N GLY A 12 -1.79 -10.83 -4.02
CA GLY A 12 -0.98 -11.51 -3.03
C GLY A 12 -1.55 -11.45 -1.62
N GLY A 13 -0.66 -11.38 -0.64
CA GLY A 13 -1.06 -11.44 0.73
C GLY A 13 -0.86 -12.80 1.38
N TYR A 14 -1.54 -12.95 2.46
CA TYR A 14 -1.45 -14.13 3.33
C TYR A 14 -2.88 -14.44 3.73
N ASP A 15 -3.30 -15.71 3.60
CA ASP A 15 -4.68 -16.07 3.85
C ASP A 15 -4.94 -16.62 5.25
N GLY A 16 -3.95 -16.58 6.12
CA GLY A 16 -4.02 -17.15 7.43
C GLY A 16 -3.21 -18.42 7.56
N ASN A 17 -2.94 -19.08 6.42
CA ASN A 17 -2.09 -20.25 6.40
C ASN A 17 -1.00 -20.20 5.37
N THR A 18 -1.24 -19.53 4.24
CA THR A 18 -0.36 -19.60 3.10
C THR A 18 -0.09 -18.21 2.54
N HIS A 19 1.14 -17.95 2.15
CA HIS A 19 1.47 -16.75 1.37
C HIS A 19 1.03 -17.00 -0.06
N LEU A 20 0.43 -15.98 -0.66
CA LEU A 20 -0.35 -16.15 -1.88
C LEU A 20 0.33 -15.60 -3.13
N ASN A 21 0.31 -16.38 -4.20
CA ASN A 21 0.64 -15.89 -5.52
C ASN A 21 -0.58 -15.45 -6.31
N SER A 22 -1.76 -15.65 -5.77
CA SER A 22 -3.02 -15.38 -6.49
C SER A 22 -3.39 -13.91 -6.45
N LEU A 23 -4.22 -13.50 -7.37
CA LEU A 23 -4.76 -12.12 -7.37
C LEU A 23 -6.12 -12.20 -8.04
N GLU A 24 -6.93 -11.18 -7.79
CA GLU A 24 -8.29 -11.14 -8.33
C GLU A 24 -8.62 -9.68 -8.51
N CYS A 25 -9.59 -9.40 -9.36
CA CYS A 25 -10.00 -8.04 -9.65
C CYS A 25 -11.50 -7.87 -9.59
N TYR A 26 -11.89 -6.72 -9.08
CA TYR A 26 -13.27 -6.35 -8.82
C TYR A 26 -13.74 -5.33 -9.80
N ASN A 27 -14.89 -5.60 -10.40
CA ASN A 27 -15.53 -4.66 -11.28
C ASN A 27 -16.74 -4.08 -10.56
N PRO A 28 -16.75 -2.78 -10.22
CA PRO A 28 -17.90 -2.21 -9.49
C PRO A 28 -19.17 -2.25 -10.32
N GLU A 29 -19.05 -2.33 -11.64
CA GLU A 29 -20.26 -2.32 -12.46
C GLU A 29 -20.99 -3.65 -12.42
N THR A 30 -20.27 -4.75 -12.20
CA THR A 30 -20.91 -6.06 -12.11
C THR A 30 -20.98 -6.59 -10.69
N ASN A 31 -20.33 -5.91 -9.73
CA ASN A 31 -20.28 -6.33 -8.33
C ASN A 31 -19.62 -7.67 -8.15
N GLU A 32 -18.67 -8.00 -9.02
CA GLU A 32 -18.08 -9.32 -9.04
C GLU A 32 -16.56 -9.25 -9.02
N TRP A 33 -15.96 -10.19 -8.28
CA TRP A 33 -14.53 -10.47 -8.36
C TRP A 33 -14.27 -11.57 -9.38
N SER A 34 -13.17 -11.44 -10.12
CA SER A 34 -12.72 -12.48 -11.02
C SER A 34 -11.25 -12.78 -10.78
N PRO A 35 -10.85 -14.04 -10.78
CA PRO A 35 -9.44 -14.36 -10.62
C PRO A 35 -8.64 -13.89 -11.85
N VAL A 36 -7.38 -13.59 -11.59
CA VAL A 36 -6.45 -13.12 -12.62
C VAL A 36 -5.25 -14.04 -12.62
N ALA A 37 -4.55 -14.15 -13.75
CA ALA A 37 -3.28 -14.89 -13.85
C ALA A 37 -2.40 -14.60 -12.65
N PRO A 38 -1.84 -15.64 -12.03
CA PRO A 38 -1.12 -15.46 -10.79
C PRO A 38 0.27 -14.88 -10.99
N LEU A 39 0.82 -14.41 -9.86
CA LEU A 39 2.18 -14.00 -9.83
C LEU A 39 3.11 -15.19 -10.02
N SER A 40 4.36 -14.87 -10.37
CA SER A 40 5.39 -15.90 -10.49
C SER A 40 5.77 -16.50 -9.14
N VAL A 41 5.66 -15.72 -8.08
CA VAL A 41 6.05 -16.16 -6.72
C VAL A 41 5.05 -15.59 -5.75
N PRO A 42 4.77 -16.29 -4.65
CA PRO A 42 3.91 -15.69 -3.61
C PRO A 42 4.55 -14.42 -3.08
N ARG A 43 3.71 -13.46 -2.74
CA ARG A 43 4.18 -12.16 -2.25
C ARG A 43 3.18 -11.66 -1.20
N SER A 44 3.53 -11.68 0.07
CA SER A 44 2.82 -10.93 1.10
C SER A 44 3.70 -9.79 1.59
N GLY A 45 3.09 -8.76 2.16
CA GLY A 45 3.87 -7.58 2.46
C GLY A 45 4.36 -6.90 1.21
N ILE A 46 3.57 -6.98 0.16
CA ILE A 46 3.84 -6.50 -1.20
C ILE A 46 3.47 -5.02 -1.31
N GLY A 47 4.03 -4.39 -2.32
CA GLY A 47 3.56 -3.11 -2.80
C GLY A 47 3.09 -3.25 -4.22
N VAL A 48 2.01 -2.58 -4.56
CA VAL A 48 1.43 -2.64 -5.90
C VAL A 48 1.10 -1.23 -6.37
N ALA A 49 1.45 -0.92 -7.63
CA ALA A 49 1.09 0.34 -8.25
C ALA A 49 1.05 0.17 -9.74
N VAL A 50 0.41 1.12 -10.38
CA VAL A 50 0.17 1.12 -11.83
C VAL A 50 0.95 2.23 -12.48
N LEU A 51 1.64 1.87 -13.54
CA LEU A 51 2.41 2.85 -14.31
C LEU A 51 2.44 2.43 -15.75
N GLY A 52 2.09 3.32 -16.68
CA GLY A 52 2.15 2.97 -18.10
C GLY A 52 1.20 1.89 -18.51
N GLY A 53 0.06 1.80 -17.84
CA GLY A 53 -0.92 0.78 -18.09
C GLY A 53 -0.58 -0.58 -17.58
N LEU A 54 0.46 -0.72 -16.79
CA LEU A 54 0.94 -1.99 -16.24
C LEU A 54 0.80 -1.99 -14.73
N LEU A 55 0.46 -3.14 -14.19
CA LEU A 55 0.33 -3.35 -12.75
C LEU A 55 1.61 -3.97 -12.24
N TYR A 56 2.32 -3.22 -11.39
CA TYR A 56 3.55 -3.69 -10.80
C TYR A 56 3.32 -4.29 -9.42
N ALA A 57 3.89 -5.45 -9.22
CA ALA A 57 3.89 -6.16 -7.95
C ALA A 57 5.32 -6.24 -7.43
N VAL A 58 5.55 -5.60 -6.32
CA VAL A 58 6.91 -5.23 -5.93
C VAL A 58 7.24 -5.83 -4.55
N GLY A 59 8.35 -6.53 -4.48
CA GLY A 59 8.89 -7.02 -3.22
C GLY A 59 7.98 -8.00 -2.53
N GLY A 60 8.00 -7.91 -1.20
CA GLY A 60 7.21 -8.82 -0.36
C GLY A 60 8.03 -9.98 0.17
N TYR A 61 7.30 -10.99 0.60
CA TYR A 61 7.87 -12.16 1.23
C TYR A 61 7.15 -13.35 0.60
N ASP A 62 7.91 -14.39 0.24
CA ASP A 62 7.31 -15.52 -0.48
C ASP A 62 6.95 -16.70 0.37
N GLY A 63 7.06 -16.58 1.67
CA GLY A 63 6.90 -17.67 2.62
C GLY A 63 8.19 -18.18 3.20
N ASN A 64 9.29 -17.92 2.51
CA ASN A 64 10.60 -18.27 2.99
C ASN A 64 11.59 -17.13 2.92
N THR A 65 11.44 -16.24 1.94
CA THR A 65 12.48 -15.27 1.61
C THR A 65 11.85 -13.89 1.39
N HIS A 66 12.51 -12.86 1.87
CA HIS A 66 12.16 -11.48 1.53
C HIS A 66 12.69 -11.18 0.15
N LEU A 67 11.90 -10.52 -0.67
CA LEU A 67 12.10 -10.43 -2.11
C LEU A 67 12.61 -9.08 -2.55
N ASN A 68 13.62 -9.08 -3.41
CA ASN A 68 13.99 -7.91 -4.19
C ASN A 68 13.40 -7.94 -5.58
N SER A 69 12.63 -8.96 -5.91
CA SER A 69 12.09 -9.10 -7.28
C SER A 69 10.81 -8.30 -7.45
N LEU A 70 10.48 -8.00 -8.68
CA LEU A 70 9.18 -7.38 -8.98
C LEU A 70 8.77 -7.88 -10.35
N GLU A 71 7.49 -7.80 -10.65
CA GLU A 71 6.97 -8.24 -11.95
C GLU A 71 5.81 -7.35 -12.31
N CYS A 72 5.49 -7.23 -13.58
CA CYS A 72 4.41 -6.33 -13.99
C CYS A 72 3.45 -7.07 -14.91
N TYR A 73 2.18 -6.73 -14.77
CA TYR A 73 1.11 -7.41 -15.51
C TYR A 73 0.49 -6.47 -16.53
N ASN A 74 0.37 -6.94 -17.75
CA ASN A 74 -0.32 -6.21 -18.78
C ASN A 74 -1.68 -6.88 -18.99
N PRO A 75 -2.80 -6.20 -18.67
CA PRO A 75 -4.11 -6.83 -18.81
C PRO A 75 -4.50 -7.00 -20.25
N GLU A 76 -3.87 -6.25 -21.15
CA GLU A 76 -4.25 -6.38 -22.54
C GLU A 76 -3.73 -7.63 -23.18
N THR A 77 -2.55 -8.10 -22.79
CA THR A 77 -1.96 -9.32 -23.31
C THR A 77 -2.06 -10.47 -22.32
N ASN A 78 -2.52 -10.23 -21.08
CA ASN A 78 -2.56 -11.22 -20.06
C ASN A 78 -1.18 -11.82 -19.82
N GLU A 79 -0.18 -10.96 -19.64
CA GLU A 79 1.17 -11.44 -19.43
C GLU A 79 1.76 -10.75 -18.22
N TRP A 80 2.37 -11.55 -17.33
CA TRP A 80 3.31 -11.05 -16.31
C TRP A 80 4.72 -11.11 -16.87
N SER A 81 5.52 -10.11 -16.52
CA SER A 81 6.92 -10.06 -16.97
C SER A 81 7.80 -9.63 -15.81
N PRO A 82 8.93 -10.29 -15.58
CA PRO A 82 9.90 -9.78 -14.61
C PRO A 82 10.42 -8.42 -15.05
N VAL A 83 10.76 -7.62 -14.06
CA VAL A 83 11.30 -6.27 -14.20
C VAL A 83 12.66 -6.28 -13.51
N ALA A 84 13.50 -5.32 -13.80
CA ALA A 84 14.77 -5.22 -13.10
C ALA A 84 14.52 -5.20 -11.60
N PRO A 85 15.31 -5.94 -10.81
CA PRO A 85 15.03 -6.06 -9.37
C PRO A 85 15.46 -4.83 -8.60
N LEU A 86 14.92 -4.75 -7.37
CA LEU A 86 15.34 -3.73 -6.43
C LEU A 86 16.77 -3.94 -6.01
N SER A 87 17.35 -2.88 -5.49
CA SER A 87 18.71 -3.00 -4.91
C SER A 87 18.80 -3.91 -3.71
N VAL A 88 17.73 -4.04 -2.94
CA VAL A 88 17.69 -4.86 -1.74
C VAL A 88 16.30 -5.47 -1.63
N PRO A 89 16.16 -6.56 -0.90
CA PRO A 89 14.81 -7.06 -0.62
C PRO A 89 14.01 -6.05 0.19
N ARG A 90 12.72 -5.98 -0.07
CA ARG A 90 11.84 -5.09 0.65
C ARG A 90 10.50 -5.74 0.85
N SER A 91 10.20 -6.19 2.05
CA SER A 91 8.85 -6.56 2.44
C SER A 91 8.29 -5.50 3.38
N GLY A 92 6.95 -5.41 3.46
CA GLY A 92 6.39 -4.28 4.22
C GLY A 92 6.71 -2.96 3.57
N ILE A 93 6.87 -2.99 2.25
CA ILE A 93 7.23 -1.85 1.39
C ILE A 93 6.03 -0.96 1.14
N GLY A 94 6.30 0.27 0.76
CA GLY A 94 5.32 1.15 0.15
C GLY A 94 5.76 1.50 -1.26
N VAL A 95 4.82 1.56 -2.18
CA VAL A 95 5.10 1.97 -3.56
C VAL A 95 4.12 3.01 -4.05
N ALA A 96 4.60 3.92 -4.87
CA ALA A 96 3.71 4.90 -5.49
C ALA A 96 4.42 5.45 -6.70
N VAL A 97 3.66 6.10 -7.56
CA VAL A 97 4.13 6.65 -8.82
C VAL A 97 4.08 8.16 -8.75
N LEU A 98 5.17 8.78 -9.18
CA LEU A 98 5.21 10.23 -9.27
C LEU A 98 6.16 10.62 -10.37
N GLY A 99 5.75 11.57 -11.22
CA GLY A 99 6.63 12.01 -12.28
C GLY A 99 7.03 10.90 -13.23
N GLY A 100 6.17 9.92 -13.45
CA GLY A 100 6.48 8.83 -14.36
C GLY A 100 7.42 7.80 -13.82
N LEU A 101 7.76 7.84 -12.55
CA LEU A 101 8.67 6.93 -11.92
C LEU A 101 7.95 6.17 -10.81
N LEU A 102 8.34 4.93 -10.63
CA LEU A 102 7.82 4.06 -9.57
C LEU A 102 8.75 4.10 -8.38
N TYR A 103 8.25 4.61 -7.28
CA TYR A 103 9.03 4.68 -6.05
C TYR A 103 8.76 3.49 -5.14
N ALA A 104 9.84 2.87 -4.69
CA ALA A 104 9.84 1.79 -3.71
C ALA A 104 10.47 2.31 -2.44
N VAL A 105 9.69 2.26 -1.36
CA VAL A 105 9.99 3.04 -0.15
C VAL A 105 10.01 2.13 1.07
N GLY A 106 11.09 2.18 1.80
CA GLY A 106 11.18 1.53 3.06
C GLY A 106 11.05 0.02 2.96
N GLY A 107 10.48 -0.51 4.01
CA GLY A 107 10.37 -1.96 4.10
C GLY A 107 11.39 -2.62 5.03
N TYR A 108 11.54 -3.90 4.85
CA TYR A 108 12.39 -4.76 5.64
C TYR A 108 13.12 -5.66 4.66
N ASP A 109 14.44 -5.78 4.84
CA ASP A 109 15.22 -6.53 3.87
C ASP A 109 15.51 -7.95 4.28
N GLY A 110 14.88 -8.43 5.34
CA GLY A 110 15.18 -9.73 5.91
C GLY A 110 16.02 -9.65 7.15
N ASN A 111 16.75 -8.55 7.34
CA ASN A 111 17.53 -8.33 8.55
C ASN A 111 17.33 -6.97 9.18
N THR A 112 17.00 -5.98 8.36
CA THR A 112 17.01 -4.59 8.81
C THR A 112 15.79 -3.85 8.29
N HIS A 113 15.20 -3.00 9.11
CA HIS A 113 14.16 -2.07 8.68
C HIS A 113 14.84 -0.92 7.98
N LEU A 114 14.26 -0.48 6.87
CA LEU A 114 14.96 0.33 5.87
C LEU A 114 14.52 1.77 5.88
N ASN A 115 15.48 2.67 5.87
CA ASN A 115 15.23 4.08 5.58
C ASN A 115 15.41 4.40 4.12
N SER A 116 15.77 3.42 3.32
CA SER A 116 16.15 3.70 1.92
C SER A 116 14.96 3.67 0.98
N LEU A 117 15.11 4.31 -0.16
CA LEU A 117 14.08 4.20 -1.21
C LEU A 117 14.81 4.29 -2.54
N GLU A 118 14.14 3.85 -3.57
CA GLU A 118 14.72 3.86 -4.92
C GLU A 118 13.56 4.06 -5.87
N CYS A 119 13.85 4.54 -7.05
CA CYS A 119 12.83 4.81 -8.04
C CYS A 119 13.21 4.20 -9.38
N TYR A 120 12.18 3.74 -10.07
CA TYR A 120 12.30 2.95 -11.29
C TYR A 120 11.76 3.73 -12.47
N ASN A 121 12.59 3.84 -13.52
CA ASN A 121 12.16 4.45 -14.76
C ASN A 121 11.86 3.37 -15.78
N PRO A 122 10.60 3.17 -16.19
CA PRO A 122 10.31 2.10 -17.15
C PRO A 122 10.99 2.29 -18.49
N GLU A 123 11.41 3.50 -18.83
CA GLU A 123 12.05 3.72 -20.12
C GLU A 123 13.48 3.19 -20.13
N THR A 124 14.15 3.20 -18.98
CA THR A 124 15.49 2.67 -18.88
C THR A 124 15.53 1.29 -18.21
N ASN A 125 14.45 0.83 -17.58
CA ASN A 125 14.43 -0.40 -16.80
C ASN A 125 15.53 -0.38 -15.75
N GLU A 126 15.74 0.79 -15.13
CA GLU A 126 16.75 0.90 -14.07
C GLU A 126 16.18 1.58 -12.83
N TRP A 127 16.67 1.14 -11.68
CA TRP A 127 16.40 1.75 -10.39
C TRP A 127 17.52 2.71 -10.02
N SER A 128 17.14 3.79 -9.32
CA SER A 128 18.09 4.77 -8.82
C SER A 128 17.76 5.04 -7.36
N PRO A 129 18.77 5.17 -6.47
CA PRO A 129 18.48 5.55 -5.10
C PRO A 129 17.97 6.98 -5.03
N VAL A 130 17.14 7.24 -4.03
CA VAL A 130 16.54 8.53 -3.73
C VAL A 130 16.98 8.89 -2.30
N ALA A 131 16.97 10.16 -1.98
CA ALA A 131 17.23 10.65 -0.63
C ALA A 131 16.51 9.78 0.39
N PRO A 132 17.22 9.29 1.41
CA PRO A 132 16.61 8.42 2.41
C PRO A 132 15.57 9.13 3.26
N LEU A 133 14.66 8.32 3.80
CA LEU A 133 13.75 8.75 4.84
C LEU A 133 14.52 9.22 6.07
N SER A 134 13.83 9.97 6.90
CA SER A 134 14.39 10.45 8.17
C SER A 134 14.57 9.34 9.18
N VAL A 135 13.82 8.26 9.07
CA VAL A 135 13.87 7.12 9.97
C VAL A 135 13.54 5.89 9.14
N PRO A 136 13.98 4.71 9.53
CA PRO A 136 13.48 3.50 8.88
C PRO A 136 11.97 3.39 9.02
N ARG A 137 11.32 2.83 7.99
CA ARG A 137 9.88 2.61 8.03
C ARG A 137 9.52 1.34 7.27
N SER A 138 9.13 0.31 7.97
CA SER A 138 8.50 -0.86 7.36
C SER A 138 7.03 -0.89 7.77
N GLY A 139 6.21 -1.58 7.02
CA GLY A 139 4.78 -1.49 7.26
C GLY A 139 4.25 -0.10 7.02
N ILE A 140 4.88 0.59 6.07
CA ILE A 140 4.61 1.97 5.70
C ILE A 140 3.43 2.06 4.75
N GLY A 141 2.83 3.24 4.67
CA GLY A 141 1.93 3.58 3.59
C GLY A 141 2.47 4.78 2.84
N VAL A 142 2.30 4.81 1.53
CA VAL A 142 2.81 5.91 0.70
C VAL A 142 1.76 6.31 -0.30
N ALA A 143 1.67 7.59 -0.60
CA ALA A 143 0.79 8.10 -1.62
C ALA A 143 1.28 9.46 -2.04
N VAL A 144 0.76 9.95 -3.15
CA VAL A 144 1.16 11.19 -3.79
C VAL A 144 0.02 12.16 -3.75
N LEU A 145 0.33 13.37 -3.32
CA LEU A 145 -0.65 14.45 -3.30
C LEU A 145 0.03 15.77 -3.48
N GLY A 146 -0.47 16.56 -4.41
CA GLY A 146 0.12 17.88 -4.63
C GLY A 146 1.55 17.79 -5.16
N GLY A 147 1.88 16.72 -5.89
CA GLY A 147 3.20 16.54 -6.43
C GLY A 147 4.22 16.06 -5.43
N LEU A 148 3.80 15.72 -4.20
CA LEU A 148 4.71 15.26 -3.15
C LEU A 148 4.41 13.82 -2.81
N LEU A 149 5.46 13.09 -2.47
CA LEU A 149 5.36 11.69 -2.06
C LEU A 149 5.34 11.62 -0.56
N TYR A 150 4.21 11.19 0.00
CA TYR A 150 4.08 11.06 1.44
C TYR A 150 4.44 9.66 1.89
N ALA A 151 5.25 9.58 2.92
CA ALA A 151 5.65 8.36 3.63
C ALA A 151 5.06 8.40 5.04
N VAL A 152 4.16 7.48 5.33
CA VAL A 152 3.28 7.61 6.47
C VAL A 152 3.47 6.41 7.40
N GLY A 153 3.65 6.69 8.67
CA GLY A 153 3.66 5.67 9.70
C GLY A 153 4.69 4.60 9.47
N GLY A 154 4.34 3.37 9.85
CA GLY A 154 5.29 2.30 9.83
C GLY A 154 5.92 1.98 11.16
N TYR A 155 7.01 1.26 11.08
CA TYR A 155 7.74 0.72 12.21
C TYR A 155 9.20 0.96 11.91
N ASP A 156 9.95 1.53 12.87
CA ASP A 156 11.34 1.90 12.61
C ASP A 156 12.35 0.87 13.08
N GLY A 157 11.90 -0.31 13.50
CA GLY A 157 12.73 -1.34 14.06
C GLY A 157 12.59 -1.42 15.56
N ASN A 158 12.12 -0.35 16.22
CA ASN A 158 11.85 -0.39 17.64
C ASN A 158 10.49 0.15 18.01
N THR A 159 9.94 1.08 17.23
CA THR A 159 8.74 1.81 17.59
C THR A 159 7.78 1.90 16.42
N HIS A 160 6.50 1.73 16.70
CA HIS A 160 5.45 2.05 15.74
C HIS A 160 5.25 3.54 15.67
N LEU A 161 5.15 4.06 14.46
CA LEU A 161 5.32 5.48 14.21
C LEU A 161 4.03 6.22 13.94
N ASN A 162 3.87 7.38 14.56
CA ASN A 162 2.85 8.34 14.19
C ASN A 162 3.34 9.40 13.23
N SER A 163 4.64 9.38 12.93
CA SER A 163 5.25 10.44 12.10
C SER A 163 5.04 10.18 10.62
N LEU A 164 5.15 11.23 9.84
CA LEU A 164 5.10 11.10 8.37
C LEU A 164 5.97 12.22 7.80
N GLU A 165 6.36 12.05 6.57
CA GLU A 165 7.24 13.02 5.90
C GLU A 165 6.89 12.98 4.43
N CYS A 166 7.23 14.02 3.71
CA CYS A 166 6.95 14.11 2.30
C CYS A 166 8.14 14.55 1.50
N TYR A 167 8.25 13.97 0.32
CA TYR A 167 9.35 14.17 -0.58
C TYR A 167 8.94 15.00 -1.77
N ASN A 168 9.75 16.00 -2.05
CA ASN A 168 9.55 16.81 -3.23
C ASN A 168 10.65 16.48 -4.23
N PRO A 169 10.33 15.86 -5.38
CA PRO A 169 11.37 15.51 -6.35
C PRO A 169 12.06 16.73 -6.94
N GLU A 170 11.43 17.91 -6.87
CA GLU A 170 12.05 19.10 -7.43
C GLU A 170 13.17 19.64 -6.56
N THR A 171 13.09 19.41 -5.25
CA THR A 171 14.14 19.86 -4.35
C THR A 171 14.99 18.74 -3.79
N ASN A 172 14.63 17.48 -4.08
CA ASN A 172 15.36 16.31 -3.61
C ASN A 172 15.38 16.22 -2.12
N GLU A 173 14.34 16.70 -1.46
CA GLU A 173 14.34 16.78 -0.01
C GLU A 173 13.05 16.24 0.59
N TRP A 174 13.24 15.57 1.73
CA TRP A 174 12.12 15.17 2.59
C TRP A 174 11.87 16.26 3.64
N SER A 175 10.61 16.48 3.98
CA SER A 175 10.22 17.40 5.03
C SER A 175 9.21 16.71 5.94
N PRO A 176 9.35 16.87 7.25
CA PRO A 176 8.39 16.29 8.17
C PRO A 176 7.03 16.95 8.01
N VAL A 177 5.99 16.20 8.28
CA VAL A 177 4.62 16.67 8.22
C VAL A 177 3.95 16.44 9.58
N ALA A 178 2.93 17.23 9.90
CA ALA A 178 2.12 17.05 11.12
C ALA A 178 1.80 15.57 11.31
N PRO A 179 1.98 15.04 12.53
CA PRO A 179 1.86 13.60 12.73
C PRO A 179 0.43 13.15 12.82
N LEU A 180 0.28 11.84 12.70
CA LEU A 180 -0.97 11.18 12.93
C LEU A 180 -1.39 11.30 14.38
N SER A 181 -2.69 11.07 14.62
CA SER A 181 -3.22 11.06 15.99
C SER A 181 -2.74 9.84 16.77
N VAL A 182 -2.44 8.75 16.08
CA VAL A 182 -2.03 7.49 16.71
C VAL A 182 -0.99 6.86 15.81
N PRO A 183 -0.02 6.15 16.38
CA PRO A 183 0.89 5.39 15.53
C PRO A 183 0.14 4.37 14.71
N ARG A 184 0.63 4.15 13.49
CA ARG A 184 -0.02 3.22 12.57
C ARG A 184 1.07 2.53 11.75
N SER A 185 1.32 1.25 11.99
CA SER A 185 2.06 0.41 11.05
C SER A 185 1.13 -0.62 10.45
N GLY A 186 1.51 -1.14 9.27
CA GLY A 186 0.57 -1.97 8.58
C GLY A 186 -0.62 -1.20 8.08
N ILE A 187 -0.40 0.06 7.78
CA ILE A 187 -1.38 1.07 7.38
C ILE A 187 -1.67 0.97 5.89
N GLY A 188 -2.80 1.52 5.49
CA GLY A 188 -3.07 1.82 4.10
C GLY A 188 -3.23 3.31 3.96
N VAL A 189 -2.76 3.86 2.85
CA VAL A 189 -2.84 5.28 2.60
C VAL A 189 -3.29 5.51 1.15
N ALA A 190 -4.22 6.43 0.94
CA ALA A 190 -4.67 6.81 -0.39
C ALA A 190 -5.21 8.22 -0.35
N VAL A 191 -5.34 8.81 -1.51
CA VAL A 191 -5.75 10.20 -1.70
C VAL A 191 -7.07 10.25 -2.40
N LEU A 192 -7.97 11.03 -1.83
CA LEU A 192 -9.29 11.22 -2.43
C LEU A 192 -9.80 12.60 -2.11
N GLY A 193 -10.24 13.36 -3.12
CA GLY A 193 -10.79 14.68 -2.84
C GLY A 193 -9.77 15.65 -2.32
N GLY A 194 -8.51 15.50 -2.71
CA GLY A 194 -7.42 16.30 -2.23
C GLY A 194 -6.98 16.04 -0.83
N LEU A 195 -7.46 14.97 -0.19
CA LEU A 195 -7.15 14.62 1.19
C LEU A 195 -6.38 13.31 1.20
N LEU A 196 -5.45 13.22 2.15
CA LEU A 196 -4.63 12.03 2.35
C LEU A 196 -5.23 11.21 3.49
N TYR A 197 -5.70 10.03 3.17
CA TYR A 197 -6.31 9.16 4.16
C TYR A 197 -5.30 8.15 4.68
N ALA A 198 -5.25 8.01 5.98
CA ALA A 198 -4.44 7.05 6.70
C ALA A 198 -5.39 6.09 7.39
N VAL A 199 -5.34 4.82 7.00
CA VAL A 199 -6.41 3.89 7.27
C VAL A 199 -5.87 2.68 8.02
N GLY A 200 -6.50 2.36 9.15
CA GLY A 200 -6.22 1.16 9.90
C GLY A 200 -4.81 1.09 10.42
N GLY A 201 -4.29 -0.12 10.43
CA GLY A 201 -2.96 -0.40 10.96
C GLY A 201 -2.97 -0.89 12.39
N TYR A 202 -1.82 -0.76 13.04
CA TYR A 202 -1.55 -1.28 14.36
C TYR A 202 -0.80 -0.18 15.07
N ASP A 203 -1.18 0.14 16.32
CA ASP A 203 -0.60 1.27 17.01
C ASP A 203 0.50 0.92 17.98
N GLY A 204 0.94 -0.33 17.99
CA GLY A 204 1.87 -0.87 18.96
C GLY A 204 1.23 -1.75 20.00
N ASN A 205 -0.08 -1.61 20.19
CA ASN A 205 -0.82 -2.43 21.14
C ASN A 205 -2.08 -3.00 20.55
N THR A 206 -2.69 -2.28 19.60
CA THR A 206 -4.06 -2.59 19.15
C THR A 206 -4.15 -2.45 17.64
N HIS A 207 -4.86 -3.38 17.02
CA HIS A 207 -5.21 -3.27 15.62
C HIS A 207 -6.37 -2.30 15.48
N LEU A 208 -6.31 -1.43 14.49
CA LEU A 208 -7.14 -0.22 14.42
C LEU A 208 -8.24 -0.32 13.39
N ASN A 209 -9.43 0.06 13.78
CA ASN A 209 -10.52 0.36 12.86
C ASN A 209 -10.62 1.84 12.53
N SER A 210 -9.76 2.67 13.10
CA SER A 210 -9.87 4.13 12.92
C SER A 210 -9.16 4.57 11.65
N LEU A 211 -9.54 5.73 11.15
CA LEU A 211 -8.81 6.32 10.01
C LEU A 211 -8.89 7.83 10.21
N GLU A 212 -7.98 8.53 9.56
CA GLU A 212 -7.96 9.99 9.67
C GLU A 212 -7.48 10.52 8.34
N CYS A 213 -7.78 11.77 8.05
CA CYS A 213 -7.40 12.32 6.77
C CYS A 213 -6.76 13.68 6.98
N TYR A 214 -5.82 13.97 6.10
CA TYR A 214 -5.03 15.17 6.18
C TYR A 214 -5.29 16.08 5.00
N ASN A 215 -5.50 17.36 5.30
CA ASN A 215 -5.64 18.36 4.28
C ASN A 215 -4.38 19.21 4.28
N PRO A 216 -3.57 19.16 3.21
CA PRO A 216 -2.32 19.91 3.22
C PRO A 216 -2.56 21.37 3.11
N GLU A 217 -3.74 21.79 2.66
CA GLU A 217 -4.00 23.22 2.50
C GLU A 217 -4.24 23.90 3.82
N THR A 218 -4.84 23.21 4.78
CA THR A 218 -5.10 23.76 6.10
C THR A 218 -4.18 23.17 7.16
N ASN A 219 -3.35 22.18 6.83
CA ASN A 219 -2.50 21.50 7.77
C ASN A 219 -3.31 20.92 8.91
N GLU A 220 -4.38 20.22 8.57
CA GLU A 220 -5.24 19.62 9.59
C GLU A 220 -5.46 18.14 9.31
N TRP A 221 -5.28 17.32 10.34
CA TRP A 221 -5.79 15.95 10.35
C TRP A 221 -7.16 15.93 10.99
N SER A 222 -8.04 15.10 10.46
CA SER A 222 -9.42 14.96 10.98
C SER A 222 -9.79 13.49 11.05
N PRO A 223 -10.35 13.02 12.15
CA PRO A 223 -10.93 11.66 12.15
C PRO A 223 -12.05 11.55 11.13
N VAL A 224 -12.20 10.36 10.59
CA VAL A 224 -13.22 9.99 9.61
C VAL A 224 -14.04 8.87 10.26
N ALA A 225 -15.21 8.59 9.72
CA ALA A 225 -15.99 7.47 10.25
C ALA A 225 -15.14 6.19 10.21
N PRO A 226 -15.18 5.38 11.26
CA PRO A 226 -14.28 4.21 11.31
C PRO A 226 -14.76 3.06 10.46
N LEU A 227 -13.84 2.14 10.23
CA LEU A 227 -14.13 0.90 9.54
C LEU A 227 -15.04 0.04 10.38
N SER A 228 -15.69 -0.90 9.70
CA SER A 228 -16.53 -1.87 10.41
C SER A 228 -15.73 -2.77 11.36
N VAL A 229 -14.47 -3.03 11.06
CA VAL A 229 -13.63 -3.92 11.84
C VAL A 229 -12.22 -3.35 11.81
N PRO A 230 -11.37 -3.70 12.77
CA PRO A 230 -9.95 -3.35 12.65
C PRO A 230 -9.32 -4.02 11.45
N ARG A 231 -8.39 -3.31 10.80
CA ARG A 231 -7.68 -3.85 9.65
C ARG A 231 -6.25 -3.39 9.67
N SER A 232 -5.33 -4.25 10.03
CA SER A 232 -3.91 -4.01 9.82
C SER A 232 -3.42 -4.91 8.69
N GLY A 233 -2.34 -4.53 8.01
CA GLY A 233 -1.97 -5.26 6.80
C GLY A 233 -2.99 -5.10 5.71
N ILE A 234 -3.66 -3.96 5.71
CA ILE A 234 -4.75 -3.59 4.80
C ILE A 234 -4.20 -3.14 3.46
N GLY A 235 -5.04 -3.18 2.45
CA GLY A 235 -4.82 -2.47 1.19
C GLY A 235 -5.91 -1.45 0.98
N VAL A 236 -5.57 -0.28 0.46
CA VAL A 236 -6.55 0.75 0.16
C VAL A 236 -6.32 1.30 -1.23
N ALA A 237 -7.41 1.64 -1.91
CA ALA A 237 -7.32 2.30 -3.21
C ALA A 237 -8.62 3.02 -3.45
N VAL A 238 -8.62 3.90 -4.42
CA VAL A 238 -9.75 4.74 -4.78
C VAL A 238 -10.24 4.36 -6.16
N LEU A 239 -11.55 4.20 -6.28
CA LEU A 239 -12.15 3.91 -7.57
C LEU A 239 -13.56 4.46 -7.58
N GLY A 240 -13.92 5.17 -8.66
CA GLY A 240 -15.27 5.69 -8.73
C GLY A 240 -15.60 6.66 -7.62
N GLY A 241 -14.61 7.39 -7.11
CA GLY A 241 -14.87 8.36 -6.06
C GLY A 241 -15.02 7.77 -4.69
N LEU A 242 -14.77 6.49 -4.53
CA LEU A 242 -14.91 5.79 -3.26
C LEU A 242 -13.57 5.24 -2.84
N LEU A 243 -13.36 5.23 -1.51
CA LEU A 243 -12.15 4.66 -0.91
C LEU A 243 -12.43 3.24 -0.48
N TYR A 244 -11.72 2.31 -1.07
CA TYR A 244 -11.87 0.89 -0.74
C TYR A 244 -10.81 0.45 0.27
N ALA A 245 -11.27 -0.19 1.34
CA ALA A 245 -10.45 -0.80 2.37
C ALA A 245 -10.59 -2.31 2.24
N VAL A 246 -9.48 -2.98 1.99
CA VAL A 246 -9.48 -4.36 1.49
C VAL A 246 -8.65 -5.24 2.40
N GLY A 247 -9.25 -6.32 2.84
CA GLY A 247 -8.52 -7.34 3.54
C GLY A 247 -7.92 -6.85 4.84
N GLY A 248 -6.81 -7.47 5.16
CA GLY A 248 -6.14 -7.17 6.40
C GLY A 248 -6.34 -8.22 7.49
N TYR A 249 -6.07 -7.82 8.70
CA TYR A 249 -6.12 -8.63 9.89
C TYR A 249 -6.81 -7.81 10.96
N ASP A 250 -7.77 -8.42 11.66
CA ASP A 250 -8.55 -7.66 12.61
C ASP A 250 -8.10 -7.79 14.04
N GLY A 251 -6.96 -8.41 14.28
CA GLY A 251 -6.47 -8.73 15.59
C GLY A 251 -6.66 -10.18 15.95
N ASN A 252 -7.59 -10.88 15.31
CA ASN A 252 -7.75 -12.30 15.49
C ASN A 252 -7.82 -13.11 14.22
N THR A 253 -8.27 -12.49 13.14
CA THR A 253 -8.61 -13.21 11.91
C THR A 253 -8.08 -12.46 10.69
N HIS A 254 -7.57 -13.19 9.72
CA HIS A 254 -7.24 -12.66 8.40
C HIS A 254 -8.53 -12.54 7.63
N LEU A 255 -8.69 -11.43 6.92
CA LEU A 255 -9.98 -10.97 6.42
C LEU A 255 -10.15 -11.14 4.93
N ASN A 256 -11.27 -11.73 4.55
CA ASN A 256 -11.71 -11.69 3.17
C ASN A 256 -12.63 -10.53 2.87
N SER A 257 -12.91 -9.70 3.86
CA SER A 257 -13.93 -8.64 3.70
C SER A 257 -13.35 -7.36 3.15
N LEU A 258 -14.18 -6.54 2.57
CA LEU A 258 -13.75 -5.19 2.18
C LEU A 258 -14.96 -4.28 2.31
N GLU A 259 -14.68 -2.99 2.36
CA GLU A 259 -15.75 -2.00 2.53
C GLU A 259 -15.28 -0.76 1.79
N CYS A 260 -16.21 0.07 1.42
CA CYS A 260 -15.90 1.27 0.66
C CYS A 260 -16.56 2.48 1.29
N TYR A 261 -15.83 3.58 1.24
CA TYR A 261 -16.19 4.82 1.92
C TYR A 261 -16.53 5.91 0.93
N ASN A 262 -17.67 6.54 1.15
CA ASN A 262 -18.10 7.66 0.32
C ASN A 262 -17.88 8.92 1.12
N PRO A 263 -16.96 9.81 0.73
CA PRO A 263 -16.74 11.02 1.49
C PRO A 263 -17.96 11.93 1.54
N GLU A 264 -18.91 11.77 0.62
CA GLU A 264 -20.07 12.66 0.63
C GLU A 264 -21.04 12.29 1.73
N THR A 265 -21.11 11.02 2.09
CA THR A 265 -21.99 10.56 3.14
C THR A 265 -21.24 10.28 4.44
N ASN A 266 -19.91 10.24 4.42
CA ASN A 266 -19.11 9.80 5.56
C ASN A 266 -19.59 8.46 6.09
N GLU A 267 -19.88 7.53 5.15
CA GLU A 267 -20.26 6.18 5.54
C GLU A 267 -19.52 5.12 4.74
N TRP A 268 -19.26 4.01 5.41
CA TRP A 268 -18.72 2.80 4.82
C TRP A 268 -19.85 1.83 4.47
N SER A 269 -19.65 1.07 3.39
CA SER A 269 -20.55 0.04 2.93
C SER A 269 -19.75 -1.21 2.63
N PRO A 270 -20.22 -2.39 3.02
CA PRO A 270 -19.54 -3.61 2.61
C PRO A 270 -19.62 -3.82 1.12
N VAL A 271 -18.60 -4.49 0.58
CA VAL A 271 -18.46 -4.85 -0.81
C VAL A 271 -18.34 -6.36 -0.87
N ALA A 272 -18.66 -6.94 -2.01
CA ALA A 272 -18.47 -8.37 -2.26
C ALA A 272 -17.11 -8.84 -1.71
N PRO A 273 -17.06 -9.89 -0.89
CA PRO A 273 -15.79 -10.35 -0.35
C PRO A 273 -14.84 -10.92 -1.38
N LEU A 274 -13.56 -10.89 -1.01
CA LEU A 274 -12.54 -11.58 -1.73
C LEU A 274 -12.80 -13.08 -1.74
N SER A 275 -12.17 -13.74 -2.70
CA SER A 275 -12.25 -15.20 -2.80
C SER A 275 -11.56 -15.92 -1.64
N VAL A 276 -10.58 -15.27 -1.02
CA VAL A 276 -9.81 -15.85 0.09
C VAL A 276 -9.43 -14.69 1.01
N PRO A 277 -9.21 -14.94 2.29
CA PRO A 277 -8.63 -13.88 3.12
C PRO A 277 -7.29 -13.41 2.59
N ARG A 278 -7.00 -12.12 2.73
CA ARG A 278 -5.73 -11.59 2.31
C ARG A 278 -5.27 -10.47 3.25
N SER A 279 -4.27 -10.74 4.07
CA SER A 279 -3.59 -9.67 4.80
C SER A 279 -2.20 -9.50 4.21
N GLY A 280 -1.60 -8.36 4.45
CA GLY A 280 -0.35 -8.05 3.76
C GLY A 280 -0.52 -7.96 2.26
N ILE A 281 -1.72 -7.51 1.84
CA ILE A 281 -2.16 -7.39 0.48
C ILE A 281 -1.61 -6.13 -0.16
N GLY A 282 -1.59 -6.12 -1.47
CA GLY A 282 -1.43 -4.90 -2.26
C GLY A 282 -2.64 -4.71 -3.14
N VAL A 283 -3.08 -3.47 -3.31
CA VAL A 283 -4.27 -3.15 -4.12
C VAL A 283 -3.98 -1.96 -5.00
N ALA A 284 -4.49 -1.99 -6.20
CA ALA A 284 -4.41 -0.86 -7.12
C ALA A 284 -5.51 -0.97 -8.14
N VAL A 285 -5.74 0.11 -8.85
CA VAL A 285 -6.80 0.25 -9.85
C VAL A 285 -6.18 0.40 -11.22
N LEU A 286 -6.70 -0.38 -12.17
CA LEU A 286 -6.26 -0.30 -13.54
C LEU A 286 -7.38 -0.68 -14.42
#